data_7BY1
#
_entry.id   7BY1
#
_cell.length_a   43.069
_cell.length_b   148.857
_cell.length_c   58.998
_cell.angle_alpha   90.00
_cell.angle_beta   101.03
_cell.angle_gamma   90.00
#
_symmetry.space_group_name_H-M   'P 1 21 1'
#
loop_
_entity.id
_entity.type
_entity.pdbx_description
1 polymer 'Histone acetyltransferase KAT2A'
2 non-polymer 'ZINC ION'
3 water water
#
_entity_poly.entity_id   1
_entity_poly.type   'polypeptide(L)'
_entity_poly.pdbx_seq_one_letter_code
;GPLGSSGGDPARPGLSQQQRASQRKAQVRGLPRAKKLEKLGVFSACKANETCKCNGWKNPKPPTAPRMDLQQPAANLSEL
CRSCEHPLADHVSHLENVSEDEINRLLGMVVDVENLFMSVHKEEDTDTKQVYFYLFKLLRKCILQMTRPVVEGSLGSPPF
EKPNIEQGVLNFVQYKFSHLAPRERQTMFELSKMFLLCLNYWKLETPAQFRQRSQSEDVATYKVNYTRWLCYCHVPQSCD
SLPRYETTHVFGRSLLRSIFTVTRRQLLEKFRVEKDKLVPEKRTLILTHFPKFLSMLEEEIYGANSPIWESGFTMPP
;
_entity_poly.pdbx_strand_id   A,B
#
loop_
_chem_comp.id
_chem_comp.type
_chem_comp.name
_chem_comp.formula
ZN non-polymer 'ZINC ION' 'Zn 2'
#
# COMPACT_ATOMS: atom_id res chain seq x y z
N SER A 22 5.50 -11.28 4.77
CA SER A 22 4.92 -10.67 3.53
C SER A 22 4.16 -11.67 2.64
N GLN A 23 4.37 -12.96 2.87
CA GLN A 23 3.63 -14.03 2.19
C GLN A 23 2.36 -14.43 2.93
N ARG A 24 2.40 -14.46 4.25
CA ARG A 24 1.14 -14.64 4.98
C ARG A 24 0.19 -13.44 4.70
N LYS A 25 0.75 -12.24 4.63
CA LYS A 25 -0.01 -11.07 4.15
C LYS A 25 -0.68 -11.28 2.81
N ALA A 26 0.06 -11.78 1.82
CA ALA A 26 -0.49 -12.03 0.48
C ALA A 26 -1.62 -13.02 0.57
N GLN A 27 -1.45 -14.07 1.37
CA GLN A 27 -2.44 -15.13 1.51
C GLN A 27 -3.72 -14.67 2.19
N VAL A 28 -3.59 -13.89 3.26
CA VAL A 28 -4.80 -13.40 3.91
C VAL A 28 -5.53 -12.36 3.06
N ARG A 29 -4.80 -11.58 2.30
CA ARG A 29 -5.44 -10.55 1.43
C ARG A 29 -6.18 -11.19 0.23
N GLY A 30 -5.90 -12.46 -0.04
CA GLY A 30 -6.57 -13.25 -1.07
C GLY A 30 -7.80 -13.99 -0.58
N LEU A 31 -8.09 -13.97 0.71
CA LEU A 31 -9.25 -14.69 1.23
C LEU A 31 -10.57 -14.03 0.85
N PRO A 32 -11.68 -14.81 0.83
CA PRO A 32 -13.01 -14.22 0.72
C PRO A 32 -13.27 -13.22 1.82
N ARG A 33 -14.09 -12.23 1.50
CA ARG A 33 -14.39 -11.11 2.39
C ARG A 33 -14.97 -11.59 3.74
N ALA A 34 -15.83 -12.60 3.73
CA ALA A 34 -16.33 -13.17 5.02
C ALA A 34 -15.24 -13.63 5.99
N LYS A 35 -14.23 -14.30 5.45
CA LYS A 35 -13.12 -14.79 6.22
C LYS A 35 -12.25 -13.63 6.69
N LYS A 36 -12.06 -12.65 5.82
CA LYS A 36 -11.33 -11.45 6.24
C LYS A 36 -12.00 -10.79 7.43
N LEU A 37 -13.34 -10.67 7.37
CA LEU A 37 -14.06 -10.07 8.50
C LEU A 37 -13.97 -10.86 9.78
N GLU A 38 -13.95 -12.19 9.71
CA GLU A 38 -13.70 -13.00 10.89
C GLU A 38 -12.32 -12.71 11.49
N LYS A 39 -11.30 -12.66 10.65
CA LYS A 39 -9.95 -12.34 11.14
C LYS A 39 -9.89 -10.96 11.81
N LEU A 40 -10.53 -9.98 11.22
CA LEU A 40 -10.55 -8.63 11.81
C LEU A 40 -11.41 -8.53 13.09
N GLY A 41 -12.45 -9.36 13.16
CA GLY A 41 -13.37 -9.34 14.29
C GLY A 41 -12.67 -9.64 15.60
N VAL A 42 -11.63 -10.46 15.51
CA VAL A 42 -10.76 -10.76 16.65
C VAL A 42 -10.16 -9.51 17.34
N PHE A 43 -10.00 -8.41 16.59
CA PHE A 43 -9.36 -7.20 17.04
C PHE A 43 -10.30 -6.00 17.03
N SER A 44 -11.61 -6.25 16.89
CA SER A 44 -12.59 -5.16 16.74
C SER A 44 -13.57 -5.04 17.92
N ALA A 45 -13.97 -3.80 18.22
CA ALA A 45 -14.85 -3.48 19.36
C ALA A 45 -16.25 -3.94 19.13
N CYS A 46 -16.90 -4.40 20.18
CA CYS A 46 -18.31 -4.79 20.08
C CYS A 46 -19.17 -3.53 20.11
N LYS A 47 -20.16 -3.45 19.24
CA LYS A 47 -21.14 -2.35 19.29
C LYS A 47 -22.53 -2.95 19.38
N ALA A 48 -22.69 -4.11 20.00
CA ALA A 48 -24.05 -4.67 20.21
C ALA A 48 -25.00 -3.68 20.93
N ASN A 49 -24.45 -2.90 21.87
CA ASN A 49 -25.24 -1.93 22.64
C ASN A 49 -24.28 -0.89 23.16
N GLU A 50 -24.82 0.13 23.81
CA GLU A 50 -24.04 1.26 24.32
C GLU A 50 -23.12 0.91 25.50
N THR A 51 -23.35 -0.23 26.18
CA THR A 51 -22.59 -0.59 27.40
C THR A 51 -21.47 -1.68 27.24
N CYS A 52 -21.58 -2.54 26.21
CA CYS A 52 -20.58 -3.62 26.04
C CYS A 52 -19.22 -3.01 25.75
N LYS A 53 -18.23 -3.36 26.55
CA LYS A 53 -16.86 -2.84 26.38
C LYS A 53 -15.88 -3.86 25.75
N CYS A 54 -16.37 -4.95 25.18
CA CYS A 54 -15.48 -5.96 24.58
C CYS A 54 -14.67 -5.37 23.43
N ASN A 55 -13.39 -5.74 23.37
CA ASN A 55 -12.45 -5.18 22.37
C ASN A 55 -12.08 -6.24 21.31
N GLY A 56 -12.74 -7.39 21.31
CA GLY A 56 -12.41 -8.40 20.31
C GLY A 56 -13.31 -9.64 20.36
N TRP A 57 -13.85 -10.07 19.22
CA TRP A 57 -14.64 -11.29 19.14
C TRP A 57 -13.79 -12.50 19.38
N LYS A 58 -14.20 -13.31 20.37
CA LYS A 58 -13.50 -14.59 20.67
C LYS A 58 -14.30 -15.79 20.25
N ASN A 59 -13.76 -16.53 19.30
CA ASN A 59 -14.43 -17.68 18.76
C ASN A 59 -14.84 -18.63 19.86
N PRO A 60 -16.15 -18.98 19.94
CA PRO A 60 -16.60 -19.90 21.01
C PRO A 60 -16.26 -21.37 20.77
N LYS A 61 -15.82 -21.71 19.58
CA LYS A 61 -15.54 -23.09 19.22
C LYS A 61 -14.15 -23.52 19.67
N PRO A 62 -13.92 -24.83 19.83
CA PRO A 62 -12.50 -25.27 20.09
C PRO A 62 -11.56 -24.92 18.89
N PRO A 63 -10.27 -24.51 19.15
CA PRO A 63 -9.36 -23.97 18.09
C PRO A 63 -8.92 -25.01 17.08
N PRO A 73 -12.57 -22.17 6.93
CA PRO A 73 -13.97 -21.85 6.60
C PRO A 73 -14.56 -20.78 7.54
N ALA A 74 -15.16 -19.73 6.98
CA ALA A 74 -15.50 -18.52 7.75
C ALA A 74 -16.52 -18.75 8.84
N ALA A 75 -16.25 -18.24 10.04
CA ALA A 75 -17.21 -18.31 11.13
C ALA A 75 -18.49 -17.61 10.66
N ASN A 76 -19.62 -18.12 11.10
CA ASN A 76 -20.87 -17.47 10.82
C ASN A 76 -20.95 -16.15 11.62
N LEU A 77 -21.53 -15.09 11.04
CA LEU A 77 -21.64 -13.83 11.71
C LEU A 77 -22.50 -13.89 12.97
N SER A 78 -23.38 -14.89 13.06
CA SER A 78 -24.22 -15.07 14.23
C SER A 78 -23.49 -15.72 15.43
N GLU A 79 -22.28 -16.29 15.25
CA GLU A 79 -21.56 -16.96 16.38
C GLU A 79 -21.24 -16.00 17.52
N LEU A 80 -21.55 -16.44 18.75
CA LEU A 80 -21.50 -15.53 19.91
C LEU A 80 -20.10 -15.49 20.53
N CYS A 81 -19.60 -14.29 20.77
CA CYS A 81 -18.33 -14.04 21.39
C CYS A 81 -18.24 -14.77 22.76
N ARG A 82 -17.19 -15.58 22.97
CA ARG A 82 -16.91 -16.12 24.34
C ARG A 82 -16.93 -15.08 25.44
N SER A 83 -16.38 -13.89 25.18
CA SER A 83 -16.28 -12.89 26.25
C SER A 83 -17.56 -12.18 26.56
N CYS A 84 -18.28 -11.76 25.53
CA CYS A 84 -19.38 -10.81 25.72
C CYS A 84 -20.71 -11.39 25.25
N GLU A 85 -20.70 -12.59 24.65
CA GLU A 85 -21.90 -13.28 24.15
C GLU A 85 -22.75 -12.51 23.10
N HIS A 86 -22.11 -11.62 22.34
CA HIS A 86 -22.75 -10.92 21.26
C HIS A 86 -22.18 -11.47 19.97
N PRO A 87 -22.97 -11.45 18.90
CA PRO A 87 -22.51 -12.10 17.67
C PRO A 87 -21.25 -11.40 17.07
N LEU A 88 -20.52 -12.16 16.28
CA LEU A 88 -19.41 -11.61 15.42
C LEU A 88 -19.93 -10.39 14.64
N ALA A 89 -21.20 -10.46 14.16
CA ALA A 89 -21.80 -9.37 13.39
C ALA A 89 -21.69 -8.05 14.08
N ASP A 90 -21.84 -8.03 15.42
CA ASP A 90 -21.81 -6.79 16.16
C ASP A 90 -20.38 -6.24 16.39
N HIS A 91 -19.37 -7.09 16.20
CA HIS A 91 -17.98 -6.66 16.34
C HIS A 91 -17.42 -6.14 14.98
N VAL A 92 -18.03 -6.55 13.86
CA VAL A 92 -17.57 -6.19 12.54
C VAL A 92 -18.54 -5.36 11.69
N SER A 93 -19.64 -4.92 12.27
CA SER A 93 -20.64 -4.17 11.52
C SER A 93 -20.10 -2.85 10.93
N HIS A 94 -19.13 -2.22 11.60
CA HIS A 94 -18.42 -1.05 11.09
C HIS A 94 -17.62 -1.32 9.81
N LEU A 95 -17.38 -2.58 9.46
CA LEU A 95 -16.59 -2.97 8.28
C LEU A 95 -17.45 -3.36 7.12
N GLU A 96 -18.77 -3.38 7.33
CA GLU A 96 -19.67 -3.81 6.29
C GLU A 96 -19.43 -3.14 4.98
N ASN A 97 -19.27 -1.81 5.00
CA ASN A 97 -19.20 -0.98 3.81
C ASN A 97 -17.87 -0.27 3.53
N VAL A 98 -16.80 -0.72 4.17
CA VAL A 98 -15.52 -0.16 3.92
C VAL A 98 -14.92 -0.80 2.63
N SER A 99 -13.96 -0.09 2.02
CA SER A 99 -13.42 -0.52 0.72
C SER A 99 -12.53 -1.75 0.89
N GLU A 100 -12.26 -2.46 -0.22
CA GLU A 100 -11.41 -3.61 -0.23
C GLU A 100 -9.98 -3.27 0.18
N ASP A 101 -9.47 -2.14 -0.28
CA ASP A 101 -8.09 -1.75 0.03
C ASP A 101 -7.98 -1.40 1.54
N GLU A 102 -9.02 -0.81 2.15
CA GLU A 102 -8.97 -0.50 3.60
C GLU A 102 -9.03 -1.81 4.41
N ILE A 103 -9.84 -2.77 3.99
CA ILE A 103 -9.84 -4.12 4.62
C ILE A 103 -8.42 -4.71 4.53
N ASN A 104 -7.79 -4.61 3.36
CA ASN A 104 -6.44 -5.17 3.21
C ASN A 104 -5.37 -4.45 4.04
N ARG A 105 -5.54 -3.15 4.27
CA ARG A 105 -4.62 -2.38 5.08
C ARG A 105 -4.73 -2.93 6.54
N LEU A 106 -5.98 -3.08 7.01
CA LEU A 106 -6.24 -3.61 8.33
C LEU A 106 -5.69 -5.02 8.51
N LEU A 107 -5.86 -5.85 7.49
CA LEU A 107 -5.33 -7.20 7.54
C LEU A 107 -3.80 -7.20 7.62
N GLY A 108 -3.18 -6.23 6.96
CA GLY A 108 -1.78 -6.07 7.13
C GLY A 108 -1.32 -5.80 8.53
N MET A 109 -2.07 -4.97 9.25
CA MET A 109 -1.82 -4.70 10.62
C MET A 109 -2.01 -5.96 11.47
N VAL A 110 -3.05 -6.74 11.18
CA VAL A 110 -3.27 -8.00 11.91
C VAL A 110 -2.00 -8.91 11.82
N VAL A 111 -1.49 -9.11 10.59
CA VAL A 111 -0.29 -9.92 10.37
C VAL A 111 0.93 -9.32 11.13
N ASP A 112 1.10 -8.00 11.08
CA ASP A 112 2.19 -7.36 11.85
C ASP A 112 2.00 -7.54 13.35
N VAL A 113 0.77 -7.42 13.84
CA VAL A 113 0.48 -7.71 15.26
C VAL A 113 0.86 -9.13 15.67
N GLU A 114 0.51 -10.12 14.84
CA GLU A 114 0.89 -11.54 15.05
C GLU A 114 2.41 -11.72 15.12
N ASN A 115 3.10 -11.11 14.16
CA ASN A 115 4.52 -11.14 14.03
C ASN A 115 5.22 -10.51 15.26
N LEU A 116 4.75 -9.32 15.67
CA LEU A 116 5.35 -8.60 16.80
C LEU A 116 5.11 -9.40 18.08
N PHE A 117 3.93 -10.03 18.17
CA PHE A 117 3.60 -10.85 19.37
C PHE A 117 4.57 -12.01 19.54
N MET A 118 4.87 -12.72 18.44
CA MET A 118 5.85 -13.78 18.49
C MET A 118 7.23 -13.24 18.94
N SER A 119 7.67 -12.19 18.27
CA SER A 119 8.96 -11.53 18.57
C SER A 119 9.12 -11.02 20.00
N VAL A 120 8.05 -10.51 20.63
CA VAL A 120 8.10 -10.08 22.01
C VAL A 120 8.46 -11.30 22.91
N HIS A 121 7.81 -12.44 22.69
CA HIS A 121 7.97 -13.62 23.56
C HIS A 121 9.36 -14.22 23.37
N LYS A 122 9.87 -14.19 22.13
CA LYS A 122 11.17 -14.71 21.78
C LYS A 122 12.35 -13.85 22.16
N GLU A 123 12.11 -12.56 22.40
CA GLU A 123 13.22 -11.62 22.54
C GLU A 123 13.86 -11.64 23.92
N GLU A 124 15.13 -12.01 23.96
CA GLU A 124 15.95 -12.02 25.20
C GLU A 124 16.27 -10.62 25.70
N ASP A 125 16.67 -9.72 24.80
CA ASP A 125 17.11 -8.40 25.23
C ASP A 125 15.97 -7.49 25.71
N THR A 126 16.04 -7.03 26.96
CA THR A 126 15.08 -6.04 27.54
C THR A 126 14.64 -4.86 26.71
N ASP A 127 15.64 -4.13 26.21
CA ASP A 127 15.42 -2.91 25.54
C ASP A 127 14.64 -3.20 24.25
N THR A 128 15.03 -4.25 23.56
CA THR A 128 14.41 -4.66 22.29
C THR A 128 12.98 -5.17 22.51
N LYS A 129 12.84 -6.04 23.49
CA LYS A 129 11.53 -6.62 23.87
C LYS A 129 10.54 -5.53 24.22
N GLN A 130 10.96 -4.51 24.99
CA GLN A 130 10.04 -3.41 25.33
C GLN A 130 9.57 -2.62 24.10
N VAL A 131 10.47 -2.41 23.12
CA VAL A 131 10.07 -1.73 21.90
C VAL A 131 9.09 -2.57 21.13
N TYR A 132 9.37 -3.85 20.93
CA TYR A 132 8.44 -4.74 20.25
C TYR A 132 7.05 -4.76 20.87
N PHE A 133 7.00 -4.77 22.20
CA PHE A 133 5.77 -4.75 22.93
C PHE A 133 5.02 -3.44 22.79
N TYR A 134 5.73 -2.29 22.77
CA TYR A 134 5.13 -0.98 22.49
C TYR A 134 4.44 -0.99 21.09
N LEU A 135 5.14 -1.53 20.10
CA LEU A 135 4.67 -1.52 18.67
C LEU A 135 3.50 -2.47 18.54
N PHE A 136 3.58 -3.64 19.21
CA PHE A 136 2.46 -4.57 19.28
C PHE A 136 1.18 -3.86 19.78
N LYS A 137 1.28 -3.18 20.92
CA LYS A 137 0.14 -2.44 21.47
C LYS A 137 -0.38 -1.32 20.57
N LEU A 138 0.55 -0.61 19.93
CA LEU A 138 0.22 0.48 19.01
C LEU A 138 -0.62 -0.01 17.87
N LEU A 139 -0.19 -1.09 17.24
CA LEU A 139 -0.92 -1.63 16.11
C LEU A 139 -2.23 -2.26 16.51
N ARG A 140 -2.26 -2.95 17.64
CA ARG A 140 -3.53 -3.49 18.08
C ARG A 140 -4.57 -2.38 18.31
N LYS A 141 -4.16 -1.29 18.92
CA LYS A 141 -5.02 -0.14 19.15
C LYS A 141 -5.47 0.51 17.86
N CYS A 142 -4.59 0.59 16.85
CA CYS A 142 -4.98 1.12 15.54
C CYS A 142 -6.05 0.26 14.80
N ILE A 143 -5.99 -1.04 14.97
CA ILE A 143 -7.01 -1.93 14.36
C ILE A 143 -8.36 -1.67 15.10
N LEU A 144 -8.30 -1.59 16.41
CA LEU A 144 -9.46 -1.30 17.28
C LEU A 144 -10.11 0.04 16.92
N GLN A 145 -9.31 1.03 16.54
CA GLN A 145 -9.80 2.39 16.18
C GLN A 145 -9.82 2.71 14.71
N MET A 146 -9.42 1.76 13.90
CA MET A 146 -9.33 1.88 12.43
C MET A 146 -8.52 3.14 12.00
N THR A 147 -7.44 3.36 12.75
CA THR A 147 -6.53 4.48 12.51
C THR A 147 -5.24 4.00 11.89
N ARG A 148 -4.42 4.98 11.50
CA ARG A 148 -3.12 4.69 10.91
C ARG A 148 -2.08 4.86 12.01
N PRO A 149 -1.15 3.91 12.11
CA PRO A 149 -0.15 4.00 13.16
C PRO A 149 0.85 5.14 12.99
N VAL A 150 1.13 5.79 14.09
CA VAL A 150 2.24 6.72 14.15
C VAL A 150 2.88 6.52 15.51
N VAL A 151 4.19 6.38 15.55
CA VAL A 151 4.94 6.20 16.80
C VAL A 151 4.94 7.52 17.61
N GLU A 152 4.80 7.45 18.91
CA GLU A 152 4.86 8.69 19.68
C GLU A 152 5.47 8.49 21.02
N GLY A 153 6.41 9.35 21.38
CA GLY A 153 6.78 9.45 22.80
C GLY A 153 7.91 10.44 23.04
N SER A 154 8.63 10.28 24.16
CA SER A 154 9.70 11.22 24.44
C SER A 154 10.84 11.12 23.43
N LEU A 155 10.99 9.99 22.75
CA LEU A 155 12.08 9.81 21.74
C LEU A 155 12.03 10.82 20.56
N GLY A 156 10.96 11.65 20.42
CA GLY A 156 10.94 12.66 19.39
C GLY A 156 10.52 11.96 18.08
N SER A 157 10.47 12.71 17.01
CA SER A 157 10.13 12.13 15.72
C SER A 157 11.16 12.51 14.71
N PRO A 158 11.27 11.72 13.62
CA PRO A 158 12.30 12.02 12.59
C PRO A 158 12.02 13.36 11.89
N PRO A 159 13.04 14.01 11.36
CA PRO A 159 14.43 13.57 11.31
C PRO A 159 15.14 13.87 12.61
N PHE A 160 16.21 13.14 12.91
CA PHE A 160 16.92 13.32 14.17
C PHE A 160 18.13 14.21 14.09
N GLU A 161 18.77 14.30 12.92
CA GLU A 161 19.96 15.11 12.80
C GLU A 161 20.17 15.46 11.35
N LYS A 162 20.63 16.68 11.12
CA LYS A 162 21.00 17.15 9.80
C LYS A 162 22.35 17.84 9.84
N PRO A 163 23.14 17.77 8.76
CA PRO A 163 22.90 16.95 7.56
C PRO A 163 22.87 15.47 7.90
N ASN A 164 22.10 14.70 7.12
CA ASN A 164 21.95 13.28 7.49
C ASN A 164 23.18 12.49 6.94
N ILE A 165 23.18 11.20 7.19
CA ILE A 165 24.28 10.32 6.77
C ILE A 165 24.44 10.30 5.25
N GLU A 166 23.31 10.18 4.53
CA GLU A 166 23.35 10.17 3.08
C GLU A 166 24.01 11.43 2.51
N GLN A 167 23.66 12.60 3.06
CA GLN A 167 24.32 13.84 2.64
C GLN A 167 25.77 13.98 3.02
N GLY A 168 26.13 13.53 4.23
CA GLY A 168 27.52 13.49 4.67
C GLY A 168 28.37 12.62 3.73
N VAL A 169 27.82 11.46 3.37
CA VAL A 169 28.54 10.53 2.49
C VAL A 169 28.67 11.10 1.04
N LEU A 170 27.61 11.70 0.52
CA LEU A 170 27.70 12.42 -0.74
C LEU A 170 28.77 13.55 -0.68
N ASN A 171 28.71 14.37 0.36
CA ASN A 171 29.73 15.39 0.52
C ASN A 171 31.15 14.81 0.59
N PHE A 172 31.34 13.72 1.34
CA PHE A 172 32.61 13.00 1.44
C PHE A 172 33.15 12.59 0.03
N VAL A 173 32.29 12.02 -0.80
CA VAL A 173 32.72 11.54 -2.14
C VAL A 173 33.18 12.71 -3.04
N GLN A 174 32.45 13.83 -2.97
CA GLN A 174 32.87 15.06 -3.68
C GLN A 174 34.15 15.60 -3.12
N TYR A 175 34.20 15.76 -1.81
CA TYR A 175 35.32 16.35 -1.11
C TYR A 175 36.64 15.59 -1.35
N LYS A 176 36.61 14.28 -1.23
CA LYS A 176 37.85 13.52 -1.34
C LYS A 176 38.17 12.98 -2.70
N PHE A 177 37.21 12.80 -3.56
CA PHE A 177 37.42 12.06 -4.84
C PHE A 177 37.10 12.81 -6.16
N SER A 178 36.71 14.11 -6.08
CA SER A 178 36.38 14.90 -7.27
C SER A 178 37.48 14.95 -8.32
N HIS A 179 38.71 14.85 -7.87
CA HIS A 179 39.86 14.98 -8.73
C HIS A 179 40.30 13.66 -9.35
N LEU A 180 39.67 12.55 -8.99
CA LEU A 180 40.01 11.27 -9.65
C LEU A 180 39.57 11.22 -11.09
N ALA A 181 40.20 10.37 -11.88
CA ALA A 181 39.77 10.18 -13.23
C ALA A 181 38.33 9.58 -13.18
N PRO A 182 37.48 9.88 -14.17
CA PRO A 182 36.06 9.56 -14.13
C PRO A 182 35.76 8.09 -13.78
N ARG A 183 36.62 7.18 -14.18
CA ARG A 183 36.45 5.77 -13.84
C ARG A 183 36.63 5.47 -12.37
N GLU A 184 37.72 5.99 -11.80
CA GLU A 184 38.02 5.76 -10.41
C GLU A 184 36.95 6.48 -9.55
N ARG A 185 36.44 7.61 -10.06
CA ARG A 185 35.47 8.42 -9.41
C ARG A 185 34.14 7.65 -9.35
N GLN A 186 33.77 7.01 -10.47
CA GLN A 186 32.59 6.16 -10.50
C GLN A 186 32.66 5.00 -9.50
N THR A 187 33.83 4.35 -9.37
CA THR A 187 34.03 3.29 -8.43
C THR A 187 33.83 3.74 -6.98
N MET A 188 34.33 4.93 -6.65
CA MET A 188 34.05 5.47 -5.32
C MET A 188 32.58 5.76 -5.06
N PHE A 189 31.88 6.29 -6.05
CA PHE A 189 30.45 6.54 -5.96
C PHE A 189 29.69 5.22 -5.71
N GLU A 190 30.06 4.18 -6.48
CA GLU A 190 29.44 2.87 -6.32
C GLU A 190 29.69 2.26 -4.96
N LEU A 191 30.90 2.38 -4.41
CA LEU A 191 31.24 1.91 -3.13
C LEU A 191 30.41 2.69 -2.04
N SER A 192 30.22 4.00 -2.27
CA SER A 192 29.43 4.86 -1.31
C SER A 192 27.97 4.37 -1.27
N LYS A 193 27.43 3.99 -2.43
CA LYS A 193 26.06 3.52 -2.52
C LYS A 193 25.91 2.20 -1.83
N MET A 194 26.91 1.32 -2.02
CA MET A 194 26.92 0.05 -1.31
C MET A 194 26.99 0.21 0.20
N PHE A 195 27.87 1.11 0.67
CA PHE A 195 28.00 1.40 2.10
C PHE A 195 26.67 1.91 2.68
N LEU A 196 26.01 2.80 1.97
CA LEU A 196 24.71 3.37 2.46
C LEU A 196 23.58 2.28 2.51
N LEU A 197 23.60 1.39 1.51
CA LEU A 197 22.65 0.26 1.44
C LEU A 197 22.87 -0.69 2.60
N CYS A 198 24.13 -1.05 2.91
CA CYS A 198 24.50 -1.76 4.08
C CYS A 198 23.97 -1.14 5.36
N LEU A 199 24.20 0.17 5.53
CA LEU A 199 23.77 0.85 6.76
C LEU A 199 22.26 0.80 6.93
N ASN A 200 21.55 0.85 5.82
CA ASN A 200 20.08 0.81 5.86
C ASN A 200 19.46 -0.55 6.23
N TYR A 201 20.24 -1.65 6.14
CA TYR A 201 19.76 -2.98 6.49
C TYR A 201 20.52 -3.65 7.62
N TRP A 202 21.64 -3.10 8.02
CA TRP A 202 22.53 -3.64 9.05
C TRP A 202 21.91 -3.54 10.45
N LYS A 203 21.99 -4.60 11.24
CA LYS A 203 21.42 -4.53 12.61
C LYS A 203 22.35 -3.84 13.58
N LEU A 204 21.88 -2.80 14.28
CA LEU A 204 22.68 -2.13 15.29
C LEU A 204 22.93 -3.03 16.50
N GLU A 205 24.02 -2.77 17.20
CA GLU A 205 24.19 -3.37 18.54
C GLU A 205 23.08 -3.01 19.47
N THR A 206 22.66 -3.92 20.34
CA THR A 206 21.79 -3.51 21.46
C THR A 206 22.53 -2.55 22.38
N PRO A 207 21.78 -1.75 23.16
CA PRO A 207 22.44 -0.92 24.12
C PRO A 207 23.33 -1.70 25.11
N ALA A 208 22.94 -2.93 25.45
CA ALA A 208 23.77 -3.77 26.29
C ALA A 208 25.11 -4.13 25.68
N GLN A 209 25.06 -4.49 24.42
CA GLN A 209 26.30 -4.71 23.62
C GLN A 209 27.13 -3.44 23.55
N PHE A 210 26.49 -2.30 23.28
CA PHE A 210 27.20 -1.04 23.14
C PHE A 210 27.87 -0.70 24.49
N ARG A 211 27.14 -0.93 25.56
CA ARG A 211 27.66 -0.67 26.92
C ARG A 211 28.95 -1.42 27.23
N GLN A 212 29.10 -2.65 26.72
CA GLN A 212 30.30 -3.43 26.98
C GLN A 212 31.58 -2.85 26.35
N ARG A 213 31.46 -2.00 25.34
CA ARG A 213 32.67 -1.47 24.70
C ARG A 213 32.86 -0.01 24.82
N SER A 214 32.00 0.66 25.59
CA SER A 214 31.91 2.09 25.61
C SER A 214 31.95 2.64 27.02
N GLN A 215 32.01 3.96 27.14
CA GLN A 215 31.89 4.65 28.43
C GLN A 215 30.43 4.65 28.87
N SER A 216 30.18 4.42 30.17
CA SER A 216 28.81 4.39 30.72
C SER A 216 27.97 5.66 30.39
N GLU A 217 28.58 6.85 30.36
CA GLU A 217 27.76 8.08 30.14
C GLU A 217 27.30 8.21 28.65
N ASP A 218 28.00 7.53 27.73
CA ASP A 218 27.55 7.49 26.31
C ASP A 218 26.31 6.60 26.09
N VAL A 219 25.99 5.71 27.04
CA VAL A 219 25.01 4.65 26.82
C VAL A 219 23.60 5.21 26.79
N ALA A 220 23.26 6.20 27.61
CA ALA A 220 21.85 6.61 27.64
C ALA A 220 21.43 7.24 26.28
N THR A 221 22.29 8.08 25.73
CA THR A 221 22.08 8.68 24.40
C THR A 221 21.98 7.60 23.27
N TYR A 222 22.88 6.64 23.29
CA TYR A 222 22.74 5.47 22.34
C TYR A 222 21.43 4.72 22.49
N LYS A 223 20.94 4.49 23.72
CA LYS A 223 19.70 3.81 23.92
C LYS A 223 18.51 4.59 23.30
N VAL A 224 18.53 5.89 23.34
CA VAL A 224 17.50 6.68 22.65
C VAL A 224 17.57 6.48 21.12
N ASN A 225 18.78 6.57 20.58
CA ASN A 225 18.97 6.32 19.10
C ASN A 225 18.65 4.92 18.70
N TYR A 226 18.95 3.91 19.52
CA TYR A 226 18.59 2.53 19.22
C TYR A 226 17.07 2.35 19.17
N THR A 227 16.37 2.96 20.16
CA THR A 227 14.90 2.88 20.18
C THR A 227 14.28 3.56 18.94
N ARG A 228 14.79 4.72 18.60
CA ARG A 228 14.36 5.46 17.38
C ARG A 228 14.57 4.61 16.12
N TRP A 229 15.74 3.99 16.08
CA TRP A 229 16.12 3.13 14.98
C TRP A 229 15.14 1.97 14.83
N LEU A 230 14.86 1.25 15.90
CA LEU A 230 13.91 0.18 15.87
C LEU A 230 12.51 0.65 15.39
N CYS A 231 12.01 1.77 15.98
CA CYS A 231 10.63 2.17 15.75
C CYS A 231 10.37 2.73 14.36
N TYR A 232 11.37 3.45 13.82
CA TYR A 232 11.19 4.24 12.60
C TYR A 232 11.85 3.62 11.41
N CYS A 233 12.83 2.76 11.66
CA CYS A 233 13.65 2.26 10.55
C CYS A 233 13.64 0.74 10.36
N HIS A 234 14.00 0.02 11.41
CA HIS A 234 14.22 -1.38 11.29
C HIS A 234 12.93 -2.21 11.31
N VAL A 235 12.11 -2.03 12.34
CA VAL A 235 10.86 -2.81 12.43
C VAL A 235 9.93 -2.54 11.23
N PRO A 236 9.80 -1.24 10.78
CA PRO A 236 8.97 -1.01 9.58
C PRO A 236 9.39 -1.74 8.29
N GLN A 237 10.66 -2.16 8.19
CA GLN A 237 11.10 -3.05 7.11
C GLN A 237 10.44 -4.40 7.11
N SER A 238 10.06 -4.91 8.29
CA SER A 238 9.39 -6.19 8.45
C SER A 238 7.90 -6.06 8.67
N CYS A 239 7.47 -4.94 9.22
CA CYS A 239 6.10 -4.66 9.59
C CYS A 239 5.65 -3.37 8.88
N ASP A 240 5.26 -3.49 7.61
CA ASP A 240 5.10 -2.31 6.74
C ASP A 240 3.85 -1.52 6.92
N SER A 241 2.98 -1.92 7.88
CA SER A 241 1.96 -1.01 8.35
C SER A 241 2.51 0.19 9.10
N LEU A 242 3.72 0.11 9.62
CA LEU A 242 4.36 1.25 10.28
C LEU A 242 5.07 2.16 9.25
N PRO A 243 5.01 3.47 9.45
CA PRO A 243 5.81 4.44 8.61
C PRO A 243 7.29 4.09 8.60
N ARG A 244 7.90 3.95 7.41
CA ARG A 244 9.26 3.49 7.21
C ARG A 244 10.17 4.65 6.79
N TYR A 245 11.27 4.84 7.49
CA TYR A 245 12.26 5.87 7.21
C TYR A 245 13.60 5.19 7.05
N GLU A 246 14.43 5.64 6.14
CA GLU A 246 15.78 5.07 6.02
C GLU A 246 16.66 5.59 7.12
N THR A 247 17.46 4.68 7.69
CA THR A 247 18.49 4.99 8.69
C THR A 247 19.35 6.17 8.20
N THR A 248 19.77 6.14 6.93
CA THR A 248 20.69 7.13 6.40
C THR A 248 20.03 8.50 6.11
N HIS A 249 18.72 8.52 6.06
CA HIS A 249 17.95 9.74 5.87
C HIS A 249 17.61 10.46 7.20
N VAL A 250 17.39 9.73 8.28
CA VAL A 250 16.92 10.38 9.56
C VAL A 250 17.98 10.57 10.62
N PHE A 251 19.13 9.90 10.48
CA PHE A 251 20.23 10.05 11.34
C PHE A 251 21.35 10.77 10.64
N GLY A 252 22.29 11.24 11.44
CA GLY A 252 23.45 11.98 11.03
C GLY A 252 24.73 11.56 11.71
N ARG A 253 25.68 12.49 11.79
CA ARG A 253 26.98 12.19 12.33
C ARG A 253 26.96 11.55 13.75
N SER A 254 26.06 11.94 14.66
CA SER A 254 26.11 11.41 16.00
C SER A 254 25.92 9.91 16.07
N LEU A 255 24.87 9.40 15.42
CA LEU A 255 24.65 7.93 15.35
C LEU A 255 25.82 7.30 14.66
N LEU A 256 26.28 7.91 13.59
CA LEU A 256 27.41 7.33 12.82
C LEU A 256 28.70 7.20 13.67
N ARG A 257 29.01 8.20 14.51
CA ARG A 257 30.05 8.05 15.49
C ARG A 257 29.83 6.90 16.46
N SER A 258 28.58 6.66 16.93
CA SER A 258 28.30 5.53 17.80
C SER A 258 28.59 4.19 17.15
N ILE A 259 28.20 4.00 15.89
CA ILE A 259 28.16 2.66 15.27
C ILE A 259 29.32 2.35 14.32
N PHE A 260 30.00 3.38 13.80
CA PHE A 260 30.77 3.16 12.51
C PHE A 260 31.91 2.16 12.67
N THR A 261 32.63 2.24 13.78
CA THR A 261 33.78 1.32 13.95
C THR A 261 33.34 -0.14 13.97
N VAL A 262 32.14 -0.44 14.50
CA VAL A 262 31.61 -1.80 14.48
C VAL A 262 31.14 -2.13 13.10
N THR A 263 30.40 -1.21 12.43
CA THR A 263 29.97 -1.46 11.07
C THR A 263 31.15 -1.81 10.15
N ARG A 264 32.21 -1.02 10.24
CA ARG A 264 33.40 -1.22 9.46
C ARG A 264 34.01 -2.62 9.69
N ARG A 265 34.19 -3.00 10.93
CA ARG A 265 34.70 -4.35 11.27
C ARG A 265 33.80 -5.42 10.67
N GLN A 266 32.49 -5.28 10.87
CA GLN A 266 31.52 -6.24 10.32
C GLN A 266 31.54 -6.29 8.82
N LEU A 267 31.63 -5.15 8.17
CA LEU A 267 31.73 -5.15 6.71
C LEU A 267 32.96 -5.87 6.17
N LEU A 268 34.10 -5.60 6.78
CA LEU A 268 35.33 -6.17 6.26
C LEU A 268 35.41 -7.66 6.54
N GLU A 269 34.87 -8.08 7.68
CA GLU A 269 34.71 -9.49 7.96
C GLU A 269 33.74 -10.16 6.99
N LYS A 270 32.63 -9.50 6.66
CA LYS A 270 31.66 -10.14 5.75
C LYS A 270 32.31 -10.34 4.37
N PHE A 271 33.10 -9.37 3.96
CA PHE A 271 33.86 -9.51 2.72
C PHE A 271 34.81 -10.68 2.72
N ARG A 272 35.52 -10.86 3.82
CA ARG A 272 36.43 -11.97 3.92
C ARG A 272 35.68 -13.29 3.70
N VAL A 273 34.46 -13.39 4.23
CA VAL A 273 33.61 -14.60 4.10
C VAL A 273 33.03 -14.80 2.69
N GLU A 274 32.56 -13.73 2.05
CA GLU A 274 31.75 -13.81 0.82
C GLU A 274 32.52 -13.45 -0.44
N LYS A 275 33.75 -12.96 -0.31
CA LYS A 275 34.44 -12.35 -1.46
C LYS A 275 34.43 -13.19 -2.75
N ASP A 276 34.58 -14.49 -2.58
CA ASP A 276 34.72 -15.38 -3.74
C ASP A 276 33.44 -15.67 -4.48
N LYS A 277 32.30 -15.29 -3.93
CA LYS A 277 31.02 -15.34 -4.64
C LYS A 277 30.73 -14.08 -5.50
N LEU A 278 31.55 -13.04 -5.34
CA LEU A 278 31.48 -11.85 -6.21
C LEU A 278 32.13 -12.11 -7.54
N VAL A 279 31.56 -11.48 -8.56
CA VAL A 279 32.16 -11.41 -9.90
C VAL A 279 33.56 -10.82 -9.77
N PRO A 280 34.56 -11.33 -10.53
CA PRO A 280 35.96 -10.90 -10.27
C PRO A 280 36.27 -9.37 -10.28
N GLU A 281 35.57 -8.63 -11.15
CA GLU A 281 35.80 -7.19 -11.26
C GLU A 281 35.43 -6.55 -9.92
N LYS A 282 34.26 -6.92 -9.38
CA LYS A 282 33.78 -6.41 -8.11
C LYS A 282 34.68 -6.88 -6.96
N ARG A 283 35.09 -8.15 -6.99
CA ARG A 283 35.99 -8.69 -5.98
C ARG A 283 37.28 -7.87 -5.85
N THR A 284 37.91 -7.59 -6.98
CA THR A 284 39.17 -6.84 -7.00
C THR A 284 39.00 -5.36 -6.51
N LEU A 285 37.92 -4.74 -6.99
CA LEU A 285 37.58 -3.35 -6.66
C LEU A 285 37.29 -3.16 -5.19
N ILE A 286 36.53 -4.08 -4.58
CA ILE A 286 36.29 -4.06 -3.17
C ILE A 286 37.58 -4.26 -2.39
N LEU A 287 38.36 -5.26 -2.74
CA LEU A 287 39.63 -5.54 -2.03
C LEU A 287 40.60 -4.37 -2.10
N THR A 288 40.66 -3.70 -3.23
CA THR A 288 41.68 -2.68 -3.37
C THR A 288 41.25 -1.19 -3.16
N HIS A 289 39.95 -0.91 -3.15
CA HIS A 289 39.46 0.45 -2.94
C HIS A 289 38.58 0.62 -1.63
N PHE A 290 37.90 -0.43 -1.18
CA PHE A 290 36.92 -0.30 -0.07
C PHE A 290 37.52 -0.07 1.33
N PRO A 291 38.51 -0.87 1.76
CA PRO A 291 39.28 -0.55 2.98
C PRO A 291 39.77 0.88 3.11
N LYS A 292 40.36 1.43 2.04
CA LYS A 292 40.77 2.84 2.04
C LYS A 292 39.61 3.86 2.06
N PHE A 293 38.56 3.62 1.28
CA PHE A 293 37.31 4.40 1.37
C PHE A 293 36.84 4.48 2.83
N LEU A 294 36.77 3.30 3.50
CA LEU A 294 36.32 3.24 4.89
C LEU A 294 37.26 3.92 5.86
N SER A 295 38.57 3.73 5.71
CA SER A 295 39.55 4.46 6.49
C SER A 295 39.46 6.00 6.37
N MET A 296 39.31 6.45 5.13
CA MET A 296 39.22 7.87 4.86
C MET A 296 37.89 8.42 5.42
N LEU A 297 36.81 7.65 5.27
CA LEU A 297 35.53 8.12 5.84
C LEU A 297 35.58 8.18 7.37
N GLU A 298 36.27 7.22 7.99
CA GLU A 298 36.50 7.25 9.42
C GLU A 298 37.13 8.54 9.92
N GLU A 299 38.12 9.03 9.18
CA GLU A 299 38.76 10.30 9.53
C GLU A 299 37.79 11.44 9.55
N GLU A 300 36.88 11.49 8.55
CA GLU A 300 35.90 12.57 8.47
C GLU A 300 34.81 12.41 9.48
N ILE A 301 34.45 11.17 9.84
CA ILE A 301 33.41 10.95 10.84
C ILE A 301 33.92 11.49 12.24
N TYR A 302 35.16 11.16 12.63
CA TYR A 302 35.59 11.38 13.99
C TYR A 302 36.47 12.64 14.14
N GLY A 303 36.91 13.21 13.03
CA GLY A 303 37.86 14.33 13.02
C GLY A 303 37.15 15.64 13.27
N ALA A 304 37.59 16.37 14.28
CA ALA A 304 36.93 17.60 14.69
C ALA A 304 36.83 18.62 13.55
N ASN A 305 37.88 18.67 12.73
CA ASN A 305 38.04 19.61 11.63
C ASN A 305 37.38 19.26 10.26
N SER A 306 36.54 18.20 10.18
CA SER A 306 35.85 17.88 8.89
C SER A 306 34.73 18.82 8.41
N PRO A 307 34.78 19.29 7.15
CA PRO A 307 33.74 20.15 6.49
C PRO A 307 32.52 19.47 5.88
N ILE A 308 32.51 18.13 5.83
CA ILE A 308 31.44 17.42 5.17
C ILE A 308 30.14 17.39 5.97
N TRP A 309 30.20 17.78 7.25
CA TRP A 309 28.97 17.73 8.11
C TRP A 309 28.35 19.10 8.28
N GLU A 310 28.78 20.07 7.50
CA GLU A 310 28.17 21.43 7.53
C GLU A 310 27.02 21.50 6.56
N SER A 311 25.88 22.08 6.99
CA SER A 311 24.77 22.24 6.04
C SER A 311 25.13 23.11 4.85
N GLY A 312 26.08 24.03 5.04
CA GLY A 312 26.55 24.90 3.97
C GLY A 312 27.57 24.31 2.99
N PHE A 313 27.91 23.01 3.12
CA PHE A 313 28.99 22.42 2.31
C PHE A 313 28.80 22.69 0.83
N THR A 314 29.80 23.25 0.14
CA THR A 314 29.81 23.25 -1.36
C THR A 314 31.23 23.07 -1.85
N MET A 315 31.30 22.68 -3.13
CA MET A 315 32.57 22.53 -3.84
C MET A 315 32.90 23.87 -4.54
N PRO A 316 34.20 24.18 -4.74
CA PRO A 316 34.57 25.38 -5.54
C PRO A 316 33.93 25.35 -6.95
N PRO A 317 33.79 26.54 -7.61
CA PRO A 317 33.02 26.68 -8.85
C PRO A 317 33.18 25.47 -9.83
N SER B 22 1.07 -0.94 -13.29
CA SER B 22 1.62 -1.48 -12.02
C SER B 22 3.13 -1.80 -12.07
N GLN B 23 3.69 -1.87 -13.28
CA GLN B 23 5.12 -2.03 -13.49
C GLN B 23 5.87 -0.72 -13.58
N ARG B 24 5.29 0.30 -14.20
CA ARG B 24 5.90 1.61 -14.10
C ARG B 24 5.93 2.02 -12.60
N LYS B 25 4.86 1.73 -11.87
CA LYS B 25 4.81 1.98 -10.42
C LYS B 25 5.96 1.34 -9.67
N ALA B 26 6.21 0.07 -9.93
CA ALA B 26 7.34 -0.63 -9.32
C ALA B 26 8.64 0.05 -9.65
N GLN B 27 8.80 0.46 -10.89
CA GLN B 27 10.06 1.06 -11.35
C GLN B 27 10.29 2.41 -10.74
N VAL B 28 9.23 3.25 -10.65
CA VAL B 28 9.44 4.56 -10.02
C VAL B 28 9.66 4.44 -8.53
N ARG B 29 9.01 3.47 -7.89
CA ARG B 29 9.18 3.27 -6.41
C ARG B 29 10.61 2.70 -6.05
N GLY B 30 11.34 2.22 -7.05
CA GLY B 30 12.72 1.77 -6.92
C GLY B 30 13.77 2.83 -7.19
N LEU B 31 13.37 4.02 -7.62
CA LEU B 31 14.34 5.10 -7.94
C LEU B 31 14.97 5.65 -6.67
N PRO B 32 16.16 6.28 -6.81
CA PRO B 32 16.73 7.06 -5.72
C PRO B 32 15.81 8.18 -5.30
N ARG B 33 15.90 8.54 -4.03
CA ARG B 33 14.99 9.51 -3.44
C ARG B 33 15.03 10.86 -4.19
N ALA B 34 16.23 11.31 -4.58
CA ALA B 34 16.34 12.58 -5.34
C ALA B 34 15.48 12.61 -6.61
N LYS B 35 15.48 11.50 -7.34
CA LYS B 35 14.72 11.37 -8.54
C LYS B 35 13.21 11.25 -8.24
N LYS B 36 12.87 10.55 -7.17
CA LYS B 36 11.48 10.58 -6.68
C LYS B 36 11.03 11.99 -6.41
N LEU B 37 11.84 12.80 -5.72
CA LEU B 37 11.45 14.17 -5.42
C LEU B 37 11.29 15.05 -6.69
N GLU B 38 12.13 14.84 -7.69
CA GLU B 38 11.98 15.55 -8.94
C GLU B 38 10.62 15.19 -9.59
N LYS B 39 10.33 13.90 -9.65
CA LYS B 39 9.00 13.49 -10.17
C LYS B 39 7.82 14.05 -9.42
N LEU B 40 7.88 14.08 -8.10
CA LEU B 40 6.85 14.70 -7.33
C LEU B 40 6.76 16.24 -7.49
N GLY B 41 7.92 16.86 -7.72
CA GLY B 41 8.00 18.35 -7.77
C GLY B 41 7.14 18.93 -8.89
N VAL B 42 7.01 18.13 -9.93
CA VAL B 42 6.10 18.46 -11.05
C VAL B 42 4.65 18.75 -10.62
N PHE B 43 4.21 18.14 -9.49
CA PHE B 43 2.83 18.19 -9.05
C PHE B 43 2.71 18.90 -7.75
N SER B 44 3.79 19.58 -7.30
CA SER B 44 3.82 20.16 -5.96
C SER B 44 3.83 21.69 -5.93
N ALA B 45 3.18 22.27 -4.92
CA ALA B 45 3.01 23.72 -4.78
C ALA B 45 4.34 24.38 -4.44
N CYS B 46 4.58 25.55 -4.99
CA CYS B 46 5.76 26.33 -4.62
C CYS B 46 5.51 27.03 -3.28
N LYS B 47 6.50 26.99 -2.39
CA LYS B 47 6.39 27.72 -1.10
C LYS B 47 7.64 28.61 -0.95
N ALA B 48 8.18 29.09 -2.06
CA ALA B 48 9.30 30.06 -2.00
C ALA B 48 8.97 31.28 -1.11
N ASN B 49 7.73 31.74 -1.16
CA ASN B 49 7.29 32.92 -0.41
C ASN B 49 5.79 32.82 -0.28
N GLU B 50 5.22 33.77 0.48
CA GLU B 50 3.79 33.76 0.81
C GLU B 50 2.88 34.09 -0.39
N THR B 51 3.44 34.64 -1.48
CA THR B 51 2.64 35.07 -2.63
C THR B 51 2.66 34.17 -3.89
N CYS B 52 3.71 33.36 -4.07
CA CYS B 52 3.80 32.50 -5.29
C CYS B 52 2.67 31.48 -5.31
N LYS B 53 1.89 31.48 -6.38
CA LYS B 53 0.72 30.60 -6.50
C LYS B 53 1.00 29.38 -7.41
N CYS B 54 2.25 29.11 -7.77
CA CYS B 54 2.56 28.01 -8.69
C CYS B 54 2.17 26.66 -8.08
N ASN B 55 1.61 25.77 -8.91
CA ASN B 55 1.15 24.43 -8.50
C ASN B 55 2.03 23.30 -9.07
N GLY B 56 3.17 23.62 -9.66
CA GLY B 56 4.06 22.57 -10.11
C GLY B 56 5.36 23.07 -10.67
N TRP B 57 6.49 22.45 -10.27
CA TRP B 57 7.79 22.79 -10.86
C TRP B 57 7.84 22.33 -12.28
N LYS B 58 8.14 23.29 -13.17
CA LYS B 58 8.38 22.98 -14.58
C LYS B 58 9.83 23.02 -14.96
N ASN B 59 10.37 21.89 -15.39
CA ASN B 59 11.77 21.80 -15.72
C ASN B 59 12.16 22.85 -16.77
N PRO B 60 13.15 23.70 -16.47
CA PRO B 60 13.54 24.72 -17.49
C PRO B 60 14.36 24.19 -18.64
N LYS B 61 14.83 22.96 -18.56
CA LYS B 61 15.65 22.39 -19.64
C LYS B 61 14.82 21.85 -20.79
N PRO B 62 15.39 21.74 -22.02
CA PRO B 62 14.68 20.96 -23.05
C PRO B 62 14.44 19.48 -22.62
N PRO B 63 13.25 18.88 -22.96
CA PRO B 63 12.84 17.54 -22.45
C PRO B 63 13.66 16.40 -23.02
N PRO B 73 18.63 11.07 -14.92
CA PRO B 73 19.52 11.67 -13.88
C PRO B 73 18.82 12.86 -13.18
N ALA B 74 18.80 12.87 -11.84
CA ALA B 74 17.92 13.76 -11.07
C ALA B 74 18.24 15.25 -11.25
N ALA B 75 17.21 16.06 -11.53
CA ALA B 75 17.37 17.50 -11.63
C ALA B 75 17.98 17.99 -10.32
N ASN B 76 18.81 19.01 -10.41
CA ASN B 76 19.36 19.63 -9.23
C ASN B 76 18.26 20.43 -8.54
N LEU B 77 18.27 20.45 -7.21
CA LEU B 77 17.24 21.17 -6.47
C LEU B 77 17.26 22.67 -6.69
N SER B 78 18.41 23.19 -7.11
CA SER B 78 18.51 24.58 -7.41
C SER B 78 17.86 25.01 -8.76
N GLU B 79 17.54 24.08 -9.65
CA GLU B 79 17.00 24.44 -11.00
C GLU B 79 15.68 25.20 -10.91
N LEU B 80 15.59 26.32 -11.63
CA LEU B 80 14.51 27.25 -11.47
C LEU B 80 13.28 26.86 -12.32
N CYS B 81 12.11 26.87 -11.71
CA CYS B 81 10.85 26.59 -12.35
C CYS B 81 10.63 27.55 -13.56
N ARG B 82 10.33 27.00 -14.74
CA ARG B 82 9.90 27.85 -15.87
C ARG B 82 8.76 28.81 -15.55
N SER B 83 7.80 28.36 -14.76
CA SER B 83 6.64 29.18 -14.50
C SER B 83 6.92 30.30 -13.52
N CYS B 84 7.58 29.96 -12.41
CA CYS B 84 7.62 30.86 -11.27
C CYS B 84 9.03 31.32 -10.95
N GLU B 85 10.02 30.74 -11.64
CA GLU B 85 11.44 31.03 -11.42
C GLU B 85 11.97 30.83 -9.96
N HIS B 86 11.35 29.93 -9.22
CA HIS B 86 11.83 29.54 -7.93
C HIS B 86 12.38 28.13 -8.03
N PRO B 87 13.39 27.82 -7.19
CA PRO B 87 14.02 26.50 -7.36
C PRO B 87 13.04 25.31 -7.14
N LEU B 88 13.39 24.17 -7.68
CA LEU B 88 12.74 22.83 -7.37
C LEU B 88 12.68 22.62 -5.87
N ALA B 89 13.78 23.00 -5.16
CA ALA B 89 13.81 22.94 -3.70
C ALA B 89 12.62 23.53 -3.03
N ASP B 90 12.09 24.65 -3.52
CA ASP B 90 10.97 25.32 -2.86
C ASP B 90 9.61 24.68 -3.22
N HIS B 91 9.59 23.81 -4.23
CA HIS B 91 8.36 23.07 -4.55
C HIS B 91 8.29 21.72 -3.77
N VAL B 92 9.45 21.18 -3.37
CA VAL B 92 9.52 19.88 -2.71
C VAL B 92 10.04 19.92 -1.27
N SER B 93 10.20 21.11 -0.69
CA SER B 93 10.76 21.22 0.68
C SER B 93 9.89 20.50 1.71
N HIS B 94 8.57 20.51 1.51
CA HIS B 94 7.63 19.76 2.34
C HIS B 94 7.81 18.24 2.34
N LEU B 95 8.55 17.69 1.38
CA LEU B 95 8.80 16.26 1.30
C LEU B 95 10.11 15.86 1.91
N GLU B 96 10.91 16.83 2.37
CA GLU B 96 12.23 16.48 2.90
C GLU B 96 12.22 15.37 3.91
N ASN B 97 11.29 15.42 4.88
CA ASN B 97 11.26 14.46 6.00
C ASN B 97 10.08 13.46 6.05
N VAL B 98 9.36 13.34 4.95
CA VAL B 98 8.22 12.42 4.92
C VAL B 98 8.80 11.01 4.72
N SER B 99 8.02 10.02 5.16
CA SER B 99 8.50 8.68 5.20
C SER B 99 8.59 8.09 3.77
N GLU B 100 9.34 7.00 3.63
CA GLU B 100 9.52 6.32 2.36
C GLU B 100 8.22 5.79 1.82
N ASP B 101 7.39 5.25 2.71
CA ASP B 101 6.09 4.67 2.26
C ASP B 101 5.16 5.79 1.82
N GLU B 102 5.23 6.97 2.44
CA GLU B 102 4.37 8.08 1.99
C GLU B 102 4.85 8.62 0.62
N ILE B 103 6.17 8.76 0.43
CA ILE B 103 6.70 9.09 -0.90
C ILE B 103 6.21 8.08 -1.94
N ASN B 104 6.24 6.78 -1.62
CA ASN B 104 5.76 5.79 -2.55
C ASN B 104 4.24 5.80 -2.83
N ARG B 105 3.46 6.23 -1.86
CA ARG B 105 2.03 6.42 -2.06
C ARG B 105 1.85 7.55 -3.08
N LEU B 106 2.57 8.66 -2.85
CA LEU B 106 2.42 9.82 -3.72
C LEU B 106 2.83 9.48 -5.15
N LEU B 107 3.91 8.71 -5.28
CA LEU B 107 4.39 8.27 -6.60
C LEU B 107 3.39 7.34 -7.29
N GLY B 108 2.67 6.54 -6.52
CA GLY B 108 1.51 5.81 -7.07
C GLY B 108 0.42 6.67 -7.66
N MET B 109 0.10 7.79 -6.99
CA MET B 109 -0.84 8.73 -7.51
C MET B 109 -0.29 9.43 -8.78
N VAL B 110 0.98 9.78 -8.80
CA VAL B 110 1.58 10.35 -10.06
C VAL B 110 1.35 9.41 -11.28
N VAL B 111 1.67 8.13 -11.11
CA VAL B 111 1.52 7.16 -12.18
C VAL B 111 0.02 7.07 -12.58
N ASP B 112 -0.88 7.07 -11.59
CA ASP B 112 -2.31 7.01 -11.94
C ASP B 112 -2.73 8.28 -12.67
N VAL B 113 -2.21 9.42 -12.24
CA VAL B 113 -2.50 10.71 -12.97
C VAL B 113 -2.04 10.67 -14.42
N GLU B 114 -0.87 10.10 -14.70
CA GLU B 114 -0.35 9.88 -16.05
C GLU B 114 -1.23 8.98 -16.90
N ASN B 115 -1.63 7.86 -16.32
CA ASN B 115 -2.51 6.91 -16.92
C ASN B 115 -3.90 7.50 -17.22
N LEU B 116 -4.50 8.23 -16.27
CA LEU B 116 -5.81 8.84 -16.49
C LEU B 116 -5.73 9.95 -17.54
N PHE B 117 -4.65 10.73 -17.52
CA PHE B 117 -4.43 11.71 -18.59
C PHE B 117 -4.43 11.10 -19.99
N MET B 118 -3.71 10.03 -20.21
CA MET B 118 -3.69 9.32 -21.52
C MET B 118 -5.09 8.84 -21.94
N SER B 119 -5.71 8.12 -21.02
CA SER B 119 -7.10 7.66 -21.17
C SER B 119 -8.15 8.74 -21.47
N VAL B 120 -8.01 9.95 -20.91
CA VAL B 120 -8.91 11.05 -21.18
C VAL B 120 -8.81 11.42 -22.68
N HIS B 121 -7.59 11.59 -23.16
CA HIS B 121 -7.33 12.05 -24.56
C HIS B 121 -7.78 10.98 -25.53
N LYS B 122 -7.59 9.69 -25.20
CA LYS B 122 -7.97 8.57 -26.06
C LYS B 122 -9.44 8.21 -26.08
N GLU B 123 -10.19 8.67 -25.09
CA GLU B 123 -11.56 8.17 -24.90
C GLU B 123 -12.54 8.85 -25.84
N GLU B 124 -13.12 8.03 -26.71
CA GLU B 124 -14.19 8.45 -27.66
C GLU B 124 -15.50 8.77 -26.94
N ASP B 125 -15.93 7.93 -25.99
CA ASP B 125 -17.22 8.15 -25.33
C ASP B 125 -17.22 9.34 -24.34
N THR B 126 -18.10 10.29 -24.55
CA THR B 126 -18.37 11.43 -23.64
C THR B 126 -18.48 11.19 -22.16
N ASP B 127 -19.36 10.26 -21.82
CA ASP B 127 -19.67 10.01 -20.48
C ASP B 127 -18.40 9.48 -19.77
N THR B 128 -17.71 8.56 -20.45
CA THR B 128 -16.55 7.89 -19.90
C THR B 128 -15.39 8.91 -19.73
N LYS B 129 -15.18 9.69 -20.79
CA LYS B 129 -14.14 10.72 -20.81
C LYS B 129 -14.33 11.67 -19.66
N GLN B 130 -15.55 12.17 -19.43
CA GLN B 130 -15.81 13.07 -18.31
C GLN B 130 -15.43 12.48 -16.94
N VAL B 131 -15.72 11.20 -16.75
CA VAL B 131 -15.39 10.55 -15.50
C VAL B 131 -13.87 10.42 -15.37
N TYR B 132 -13.20 9.97 -16.40
CA TYR B 132 -11.72 9.91 -16.36
C TYR B 132 -11.08 11.26 -16.03
N PHE B 133 -11.63 12.32 -16.63
CA PHE B 133 -11.17 13.66 -16.38
C PHE B 133 -11.39 14.11 -14.94
N TYR B 134 -12.55 13.79 -14.35
CA TYR B 134 -12.86 14.08 -12.95
C TYR B 134 -11.78 13.43 -12.03
N LEU B 135 -11.53 12.15 -12.28
CA LEU B 135 -10.58 11.36 -11.48
C LEU B 135 -9.13 11.84 -11.66
N PHE B 136 -8.76 12.20 -12.89
CA PHE B 136 -7.51 12.88 -13.16
C PHE B 136 -7.32 14.10 -12.29
N LYS B 137 -8.29 14.99 -12.32
CA LYS B 137 -8.25 16.22 -11.47
C LYS B 137 -8.20 15.95 -9.98
N LEU B 138 -8.96 14.95 -9.52
CA LEU B 138 -9.01 14.54 -8.12
C LEU B 138 -7.64 14.10 -7.64
N LEU B 139 -7.00 13.21 -8.39
CA LEU B 139 -5.69 12.75 -7.99
C LEU B 139 -4.65 13.85 -8.09
N ARG B 140 -4.74 14.70 -9.10
CA ARG B 140 -3.75 15.78 -9.18
C ARG B 140 -3.85 16.69 -7.97
N LYS B 141 -5.06 17.01 -7.55
CA LYS B 141 -5.29 17.81 -6.36
C LYS B 141 -4.81 17.14 -5.07
N CYS B 142 -4.97 15.81 -4.94
CA CYS B 142 -4.47 15.09 -3.79
C CYS B 142 -2.95 15.09 -3.67
N ILE B 143 -2.26 15.01 -4.79
CA ILE B 143 -0.79 15.13 -4.76
C ILE B 143 -0.40 16.53 -4.26
N LEU B 144 -1.07 17.54 -4.79
CA LEU B 144 -0.83 18.96 -4.46
C LEU B 144 -1.08 19.23 -2.95
N GLN B 145 -2.06 18.58 -2.36
CA GLN B 145 -2.41 18.74 -0.97
C GLN B 145 -1.91 17.65 -0.06
N MET B 146 -1.22 16.68 -0.62
CA MET B 146 -0.73 15.48 0.10
C MET B 146 -1.86 14.76 0.92
N THR B 147 -3.03 14.66 0.30
CA THR B 147 -4.19 14.00 0.87
C THR B 147 -4.45 12.65 0.22
N ARG B 148 -5.43 11.94 0.78
CA ARG B 148 -5.87 10.67 0.23
C ARG B 148 -7.13 10.89 -0.59
N PRO B 149 -7.21 10.25 -1.75
CA PRO B 149 -8.41 10.51 -2.61
C PRO B 149 -9.66 9.87 -2.11
N VAL B 150 -10.75 10.64 -2.17
CA VAL B 150 -12.06 10.06 -1.93
C VAL B 150 -12.96 10.71 -2.99
N VAL B 151 -13.77 9.93 -3.66
CA VAL B 151 -14.68 10.46 -4.72
C VAL B 151 -15.78 11.28 -4.04
N GLU B 152 -16.15 12.40 -4.63
CA GLU B 152 -17.18 13.38 -4.14
C GLU B 152 -18.52 12.68 -4.16
N GLY B 153 -19.35 12.89 -3.15
CA GLY B 153 -20.54 12.04 -2.92
C GLY B 153 -21.88 12.54 -3.47
N SER B 154 -21.86 13.34 -4.52
CA SER B 154 -23.11 13.92 -5.02
C SER B 154 -24.01 12.86 -5.68
N LEU B 155 -23.41 11.74 -6.11
CA LEU B 155 -24.18 10.61 -6.63
C LEU B 155 -24.35 9.51 -5.65
N GLY B 156 -24.13 9.86 -4.40
CA GLY B 156 -24.15 8.95 -3.30
C GLY B 156 -22.75 8.29 -3.17
N SER B 157 -22.58 7.56 -2.11
CA SER B 157 -21.36 6.81 -1.90
C SER B 157 -21.77 5.42 -1.53
N PRO B 158 -20.85 4.48 -1.76
CA PRO B 158 -21.21 3.11 -1.47
C PRO B 158 -21.55 2.89 0.02
N PRO B 159 -22.43 1.94 0.36
CA PRO B 159 -23.03 0.96 -0.54
C PRO B 159 -24.25 1.57 -1.18
N PHE B 160 -24.54 1.14 -2.38
CA PHE B 160 -25.67 1.74 -3.13
C PHE B 160 -27.00 1.02 -2.84
N GLU B 161 -26.96 -0.30 -2.56
CA GLU B 161 -28.18 -1.07 -2.42
C GLU B 161 -27.94 -2.31 -1.60
N LYS B 162 -28.89 -2.68 -0.75
CA LYS B 162 -28.84 -3.89 0.01
C LYS B 162 -30.16 -4.65 -0.06
N PRO B 163 -30.13 -6.00 0.01
CA PRO B 163 -28.92 -6.85 -0.07
C PRO B 163 -28.16 -6.69 -1.36
N ASN B 164 -26.86 -6.91 -1.32
CA ASN B 164 -26.05 -6.63 -2.53
C ASN B 164 -26.09 -7.89 -3.46
N ILE B 165 -25.46 -7.77 -4.60
CA ILE B 165 -25.47 -8.84 -5.60
C ILE B 165 -24.93 -10.14 -4.99
N GLU B 166 -23.80 -10.00 -4.32
CA GLU B 166 -23.16 -11.18 -3.69
C GLU B 166 -24.12 -11.91 -2.75
N GLN B 167 -24.81 -11.17 -1.90
CA GLN B 167 -25.74 -11.82 -1.00
C GLN B 167 -26.93 -12.43 -1.73
N GLY B 168 -27.46 -11.73 -2.73
CA GLY B 168 -28.54 -12.23 -3.57
C GLY B 168 -28.15 -13.56 -4.23
N VAL B 169 -26.94 -13.60 -4.72
CA VAL B 169 -26.44 -14.87 -5.37
C VAL B 169 -26.21 -16.03 -4.35
N LEU B 170 -25.63 -15.73 -3.22
CA LEU B 170 -25.51 -16.70 -2.09
C LEU B 170 -26.91 -17.22 -1.73
N ASN B 171 -27.89 -16.31 -1.56
CA ASN B 171 -29.24 -16.73 -1.25
C ASN B 171 -29.85 -17.60 -2.37
N PHE B 172 -29.68 -17.21 -3.61
CA PHE B 172 -30.12 -17.98 -4.76
C PHE B 172 -29.59 -19.43 -4.74
N VAL B 173 -28.31 -19.59 -4.47
CA VAL B 173 -27.71 -20.96 -4.41
C VAL B 173 -28.32 -21.82 -3.29
N GLN B 174 -28.55 -21.24 -2.13
CA GLN B 174 -29.24 -21.95 -1.04
C GLN B 174 -30.67 -22.25 -1.37
N TYR B 175 -31.38 -21.23 -1.86
CA TYR B 175 -32.74 -21.35 -2.21
C TYR B 175 -33.04 -22.44 -3.27
N LYS B 176 -32.26 -22.49 -4.33
CA LYS B 176 -32.56 -23.42 -5.41
C LYS B 176 -31.83 -24.70 -5.34
N PHE B 177 -30.70 -24.75 -4.64
CA PHE B 177 -29.82 -25.94 -4.76
C PHE B 177 -29.48 -26.70 -3.47
N SER B 178 -30.03 -26.29 -2.35
CA SER B 178 -29.77 -26.93 -1.02
C SER B 178 -30.04 -28.39 -0.95
N HIS B 179 -31.00 -28.83 -1.72
CA HIS B 179 -31.43 -30.22 -1.76
C HIS B 179 -30.62 -31.10 -2.73
N LEU B 180 -29.68 -30.55 -3.47
CA LEU B 180 -28.87 -31.39 -4.38
C LEU B 180 -27.90 -32.25 -3.61
N ALA B 181 -27.45 -33.32 -4.24
CA ALA B 181 -26.38 -34.11 -3.63
C ALA B 181 -25.13 -33.19 -3.48
N PRO B 182 -24.35 -33.37 -2.41
CA PRO B 182 -23.20 -32.50 -2.08
C PRO B 182 -22.25 -32.21 -3.27
N ARG B 183 -22.05 -33.15 -4.16
CA ARG B 183 -21.25 -32.90 -5.36
C ARG B 183 -21.87 -31.92 -6.35
N GLU B 184 -23.15 -32.09 -6.62
CA GLU B 184 -23.84 -31.20 -7.53
C GLU B 184 -23.96 -29.79 -6.89
N ARG B 185 -24.13 -29.76 -5.56
CA ARG B 185 -24.26 -28.56 -4.79
C ARG B 185 -22.94 -27.75 -4.83
N GLN B 186 -21.80 -28.44 -4.68
CA GLN B 186 -20.50 -27.83 -4.88
C GLN B 186 -20.29 -27.25 -6.30
N THR B 187 -20.71 -27.94 -7.37
CA THR B 187 -20.61 -27.43 -8.71
C THR B 187 -21.40 -26.13 -8.83
N MET B 188 -22.61 -26.09 -8.27
CA MET B 188 -23.40 -24.85 -8.37
C MET B 188 -22.72 -23.73 -7.62
N PHE B 189 -22.12 -24.03 -6.49
CA PHE B 189 -21.40 -23.00 -5.68
C PHE B 189 -20.21 -22.45 -6.46
N GLU B 190 -19.51 -23.35 -7.11
CA GLU B 190 -18.38 -22.96 -7.95
C GLU B 190 -18.81 -22.09 -9.13
N LEU B 191 -19.90 -22.43 -9.80
CA LEU B 191 -20.40 -21.66 -10.91
C LEU B 191 -20.82 -20.25 -10.40
N SER B 192 -21.38 -20.19 -9.19
CA SER B 192 -21.82 -18.86 -8.59
C SER B 192 -20.60 -17.95 -8.33
N LYS B 193 -19.50 -18.56 -7.85
CA LYS B 193 -18.26 -17.81 -7.57
C LYS B 193 -17.68 -17.32 -8.86
N MET B 194 -17.69 -18.19 -9.90
CA MET B 194 -17.23 -17.78 -11.24
C MET B 194 -18.03 -16.67 -11.85
N PHE B 195 -19.38 -16.75 -11.69
CA PHE B 195 -20.28 -15.66 -12.18
C PHE B 195 -19.97 -14.32 -11.46
N LEU B 196 -19.80 -14.35 -10.15
CA LEU B 196 -19.52 -13.12 -9.33
C LEU B 196 -18.17 -12.52 -9.74
N LEU B 197 -17.18 -13.38 -10.02
CA LEU B 197 -15.86 -12.96 -10.41
C LEU B 197 -15.93 -12.28 -11.75
N CYS B 198 -16.66 -12.86 -12.72
CA CYS B 198 -16.96 -12.25 -13.97
C CYS B 198 -17.58 -10.87 -13.80
N LEU B 199 -18.61 -10.74 -12.98
CA LEU B 199 -19.29 -9.48 -12.80
C LEU B 199 -18.33 -8.43 -12.27
N ASN B 200 -17.41 -8.84 -11.42
CA ASN B 200 -16.46 -7.90 -10.83
C ASN B 200 -15.40 -7.35 -11.77
N TYR B 201 -15.16 -8.01 -12.92
CA TYR B 201 -14.18 -7.55 -13.90
C TYR B 201 -14.79 -7.18 -15.25
N TRP B 202 -16.03 -7.54 -15.50
CA TRP B 202 -16.75 -7.35 -16.77
C TRP B 202 -16.99 -5.84 -17.03
N LYS B 203 -16.72 -5.40 -18.25
CA LYS B 203 -16.99 -3.97 -18.55
C LYS B 203 -18.46 -3.72 -18.83
N LEU B 204 -19.10 -2.79 -18.15
CA LEU B 204 -20.47 -2.42 -18.40
C LEU B 204 -20.63 -1.65 -19.70
N GLU B 205 -21.81 -1.78 -20.29
CA GLU B 205 -22.13 -0.97 -21.45
C GLU B 205 -21.98 0.51 -21.11
N THR B 206 -21.58 1.34 -22.06
CA THR B 206 -21.73 2.80 -21.83
C THR B 206 -23.18 3.19 -21.82
N PRO B 207 -23.51 4.38 -21.31
CA PRO B 207 -24.90 4.83 -21.35
C PRO B 207 -25.40 4.94 -22.80
N ALA B 208 -24.52 5.27 -23.74
CA ALA B 208 -24.88 5.38 -25.16
C ALA B 208 -25.26 4.01 -25.78
N GLN B 209 -24.50 2.97 -25.41
CA GLN B 209 -24.86 1.60 -25.71
C GLN B 209 -26.14 1.14 -25.06
N PHE B 210 -26.31 1.46 -23.77
CA PHE B 210 -27.51 1.07 -23.05
C PHE B 210 -28.75 1.74 -23.71
N ARG B 211 -28.56 2.99 -24.08
CA ARG B 211 -29.64 3.79 -24.70
C ARG B 211 -30.18 3.14 -25.96
N GLN B 212 -29.35 2.47 -26.71
CA GLN B 212 -29.79 1.82 -27.97
C GLN B 212 -30.75 0.67 -27.76
N ARG B 213 -30.79 0.07 -26.57
CA ARG B 213 -31.71 -1.04 -26.32
C ARG B 213 -32.78 -0.83 -25.30
N SER B 214 -32.91 0.41 -24.82
CA SER B 214 -33.68 0.73 -23.65
C SER B 214 -34.61 1.94 -23.80
N GLN B 215 -35.48 2.12 -22.82
CA GLN B 215 -36.34 3.30 -22.70
C GLN B 215 -35.56 4.49 -22.19
N SER B 216 -35.84 5.68 -22.71
CA SER B 216 -35.11 6.90 -22.28
C SER B 216 -35.11 7.20 -20.79
N GLU B 217 -36.18 6.91 -20.08
CA GLU B 217 -36.20 7.22 -18.63
C GLU B 217 -35.28 6.26 -17.83
N ASP B 218 -35.06 5.06 -18.37
CA ASP B 218 -34.17 4.10 -17.74
C ASP B 218 -32.72 4.56 -18.02
N VAL B 219 -32.46 5.40 -19.04
CA VAL B 219 -31.11 5.80 -19.37
C VAL B 219 -30.53 6.72 -18.33
N ALA B 220 -31.30 7.69 -17.80
CA ALA B 220 -30.68 8.64 -16.90
C ALA B 220 -30.23 7.95 -15.56
N THR B 221 -31.04 7.01 -15.06
CA THR B 221 -30.72 6.18 -13.91
C THR B 221 -29.48 5.38 -14.18
N TYR B 222 -29.45 4.73 -15.34
CA TYR B 222 -28.22 3.96 -15.71
C TYR B 222 -26.96 4.80 -15.79
N LYS B 223 -27.05 6.03 -16.32
CA LYS B 223 -25.88 6.85 -16.42
C LYS B 223 -25.30 7.13 -15.02
N VAL B 224 -26.13 7.32 -14.00
CA VAL B 224 -25.61 7.52 -12.65
C VAL B 224 -24.91 6.25 -12.13
N ASN B 225 -25.56 5.11 -12.37
CA ASN B 225 -24.89 3.81 -11.98
C ASN B 225 -23.62 3.52 -12.70
N TYR B 226 -23.53 3.89 -13.96
CA TYR B 226 -22.33 3.69 -14.76
C TYR B 226 -21.19 4.57 -14.22
N THR B 227 -21.49 5.82 -13.91
CA THR B 227 -20.54 6.71 -13.29
C THR B 227 -20.06 6.17 -11.91
N ARG B 228 -20.99 5.73 -11.08
CA ARG B 228 -20.64 5.08 -9.75
C ARG B 228 -19.70 3.89 -9.96
N TRP B 229 -20.08 3.07 -10.91
CA TRP B 229 -19.25 1.91 -11.25
C TRP B 229 -17.82 2.27 -11.68
N LEU B 230 -17.68 3.22 -12.59
CA LEU B 230 -16.37 3.67 -12.96
C LEU B 230 -15.58 4.18 -11.76
N CYS B 231 -16.22 5.04 -10.94
CA CYS B 231 -15.45 5.78 -9.90
C CYS B 231 -15.03 4.89 -8.76
N TYR B 232 -15.93 3.97 -8.36
CA TYR B 232 -15.73 3.18 -7.16
C TYR B 232 -15.25 1.79 -7.42
N CYS B 233 -15.51 1.28 -8.62
CA CYS B 233 -15.25 -0.12 -8.88
C CYS B 233 -14.25 -0.41 -9.97
N HIS B 234 -14.52 0.08 -11.17
CA HIS B 234 -13.70 -0.24 -12.31
C HIS B 234 -12.36 0.49 -12.42
N VAL B 235 -12.37 1.82 -12.37
CA VAL B 235 -11.10 2.57 -12.49
C VAL B 235 -10.14 2.21 -11.31
N PRO B 236 -10.66 2.03 -10.06
CA PRO B 236 -9.71 1.64 -8.98
C PRO B 236 -8.99 0.30 -9.17
N GLN B 237 -9.51 -0.59 -10.03
CA GLN B 237 -8.80 -1.80 -10.36
C GLN B 237 -7.51 -1.53 -11.15
N SER B 238 -7.46 -0.43 -11.90
CA SER B 238 -6.28 -0.01 -12.68
C SER B 238 -5.49 1.11 -12.04
N CYS B 239 -6.15 1.90 -11.21
CA CYS B 239 -5.55 3.05 -10.50
C CYS B 239 -5.71 2.93 -8.99
N ASP B 240 -4.82 2.16 -8.34
CA ASP B 240 -5.08 1.70 -7.00
C ASP B 240 -4.87 2.71 -5.91
N SER B 241 -4.51 3.95 -6.26
CA SER B 241 -4.58 5.00 -5.33
C SER B 241 -6.03 5.32 -4.95
N LEU B 242 -7.00 5.00 -5.79
CA LEU B 242 -8.40 5.22 -5.48
C LEU B 242 -8.95 4.09 -4.61
N PRO B 243 -9.80 4.42 -3.62
CA PRO B 243 -10.54 3.38 -2.87
C PRO B 243 -11.25 2.39 -3.83
N ARG B 244 -11.05 1.08 -3.64
CA ARG B 244 -11.58 0.06 -4.51
C ARG B 244 -12.72 -0.72 -3.80
N TYR B 245 -13.88 -0.79 -4.44
CA TYR B 245 -15.01 -1.56 -3.99
C TYR B 245 -15.39 -2.59 -5.03
N GLU B 246 -15.83 -3.74 -4.61
CA GLU B 246 -16.31 -4.71 -5.59
C GLU B 246 -17.70 -4.31 -6.11
N THR B 247 -17.90 -4.45 -7.40
CA THR B 247 -19.24 -4.28 -8.05
C THR B 247 -20.28 -5.09 -7.31
N THR B 248 -19.99 -6.37 -7.01
CA THR B 248 -21.00 -7.27 -6.36
C THR B 248 -21.29 -6.93 -4.87
N HIS B 249 -20.41 -6.14 -4.25
CA HIS B 249 -20.55 -5.71 -2.86
C HIS B 249 -21.36 -4.38 -2.72
N VAL B 250 -21.25 -3.47 -3.67
CA VAL B 250 -21.89 -2.17 -3.51
C VAL B 250 -23.18 -1.98 -4.27
N PHE B 251 -23.42 -2.81 -5.29
CA PHE B 251 -24.64 -2.76 -6.06
C PHE B 251 -25.52 -3.96 -5.65
N GLY B 252 -26.79 -3.86 -5.99
CA GLY B 252 -27.82 -4.86 -5.72
C GLY B 252 -28.68 -5.15 -6.96
N ARG B 253 -29.91 -5.53 -6.68
CA ARG B 253 -30.84 -5.97 -7.69
C ARG B 253 -31.08 -4.94 -8.76
N SER B 254 -31.10 -3.64 -8.42
CA SER B 254 -31.42 -2.63 -9.42
C SER B 254 -30.38 -2.56 -10.60
N LEU B 255 -29.10 -2.47 -10.27
CA LEU B 255 -28.05 -2.50 -11.28
C LEU B 255 -28.10 -3.85 -11.99
N LEU B 256 -28.26 -4.93 -11.23
CA LEU B 256 -28.29 -6.27 -11.85
C LEU B 256 -29.41 -6.42 -12.91
N ARG B 257 -30.60 -5.90 -12.61
CA ARG B 257 -31.65 -5.81 -13.60
C ARG B 257 -31.26 -5.04 -14.84
N SER B 258 -30.54 -3.92 -14.73
CA SER B 258 -30.08 -3.16 -15.87
C SER B 258 -29.16 -3.97 -16.78
N ILE B 259 -28.24 -4.76 -16.19
CA ILE B 259 -27.07 -5.29 -16.94
C ILE B 259 -27.19 -6.81 -17.25
N PHE B 260 -28.02 -7.55 -16.53
CA PHE B 260 -27.83 -9.00 -16.45
C PHE B 260 -28.04 -9.72 -17.81
N THR B 261 -29.04 -9.28 -18.57
CA THR B 261 -29.26 -9.92 -19.86
C THR B 261 -28.13 -9.76 -20.86
N VAL B 262 -27.42 -8.66 -20.80
CA VAL B 262 -26.25 -8.42 -21.61
C VAL B 262 -25.08 -9.23 -21.06
N THR B 263 -24.88 -9.19 -19.75
CA THR B 263 -23.81 -10.03 -19.15
C THR B 263 -23.99 -11.50 -19.53
N ARG B 264 -25.18 -12.00 -19.37
CA ARG B 264 -25.47 -13.42 -19.73
C ARG B 264 -25.08 -13.72 -21.18
N ARG B 265 -25.55 -12.88 -22.13
CA ARG B 265 -25.23 -13.08 -23.58
C ARG B 265 -23.71 -13.07 -23.79
N GLN B 266 -23.05 -12.09 -23.16
CA GLN B 266 -21.58 -12.00 -23.28
C GLN B 266 -20.87 -13.21 -22.64
N LEU B 267 -21.34 -13.66 -21.50
CA LEU B 267 -20.73 -14.83 -20.84
C LEU B 267 -20.85 -16.07 -21.70
N LEU B 268 -22.05 -16.30 -22.25
CA LEU B 268 -22.24 -17.49 -23.06
C LEU B 268 -21.42 -17.43 -24.33
N GLU B 269 -21.32 -16.27 -24.96
CA GLU B 269 -20.50 -16.08 -26.12
C GLU B 269 -19.03 -16.30 -25.78
N LYS B 270 -18.57 -15.79 -24.62
CA LYS B 270 -17.16 -15.99 -24.27
C LYS B 270 -16.86 -17.50 -24.07
N PHE B 271 -17.79 -18.22 -23.45
CA PHE B 271 -17.67 -19.66 -23.26
C PHE B 271 -17.69 -20.43 -24.57
N ARG B 272 -18.44 -19.98 -25.57
CA ARG B 272 -18.36 -20.57 -26.92
C ARG B 272 -16.93 -20.44 -27.50
N VAL B 273 -16.31 -19.28 -27.30
CA VAL B 273 -14.93 -19.01 -27.76
C VAL B 273 -13.86 -19.78 -26.93
N GLU B 274 -14.04 -19.93 -25.59
CA GLU B 274 -13.02 -20.41 -24.64
C GLU B 274 -13.24 -21.81 -24.12
N LYS B 275 -14.38 -22.43 -24.43
CA LYS B 275 -14.71 -23.69 -23.79
C LYS B 275 -13.56 -24.75 -23.99
N ASP B 276 -12.97 -24.70 -25.17
CA ASP B 276 -12.01 -25.71 -25.59
C ASP B 276 -10.68 -25.63 -24.89
N LYS B 277 -10.41 -24.57 -24.17
CA LYS B 277 -9.20 -24.47 -23.34
C LYS B 277 -9.28 -25.21 -22.02
N LEU B 278 -10.53 -25.52 -21.63
CA LEU B 278 -10.80 -26.22 -20.40
C LEU B 278 -10.58 -27.72 -20.51
N VAL B 279 -10.21 -28.27 -19.37
CA VAL B 279 -10.12 -29.74 -19.18
C VAL B 279 -11.52 -30.31 -19.44
N PRO B 280 -11.65 -31.50 -20.09
CA PRO B 280 -12.96 -31.98 -20.47
C PRO B 280 -14.04 -32.04 -19.35
N GLU B 281 -13.65 -32.37 -18.12
CA GLU B 281 -14.63 -32.48 -17.03
C GLU B 281 -15.27 -31.07 -16.80
N LYS B 282 -14.42 -30.05 -16.77
CA LYS B 282 -14.87 -28.66 -16.58
C LYS B 282 -15.64 -28.17 -17.79
N ARG B 283 -15.16 -28.54 -18.99
CA ARG B 283 -15.86 -28.20 -20.21
C ARG B 283 -17.33 -28.74 -20.25
N THR B 284 -17.51 -30.02 -19.90
CA THR B 284 -18.80 -30.64 -19.79
C THR B 284 -19.72 -29.95 -18.74
N LEU B 285 -19.15 -29.69 -17.57
CA LEU B 285 -19.89 -29.07 -16.43
C LEU B 285 -20.41 -27.70 -16.79
N ILE B 286 -19.59 -26.89 -17.45
CA ILE B 286 -20.03 -25.56 -17.90
C ILE B 286 -21.10 -25.67 -18.98
N LEU B 287 -20.89 -26.51 -19.97
CA LEU B 287 -21.86 -26.73 -21.05
C LEU B 287 -23.20 -27.24 -20.50
N THR B 288 -23.18 -28.11 -19.50
CA THR B 288 -24.45 -28.70 -19.05
C THR B 288 -25.13 -28.07 -17.78
N HIS B 289 -24.39 -27.32 -16.98
CA HIS B 289 -24.93 -26.75 -15.74
C HIS B 289 -25.04 -25.19 -15.83
N PHE B 290 -24.17 -24.53 -16.57
CA PHE B 290 -24.06 -23.04 -16.51
C PHE B 290 -25.21 -22.30 -17.18
N PRO B 291 -25.55 -22.65 -18.42
CA PRO B 291 -26.79 -22.09 -19.03
C PRO B 291 -28.04 -22.15 -18.17
N LYS B 292 -28.29 -23.31 -17.57
CA LYS B 292 -29.42 -23.44 -16.64
C LYS B 292 -29.29 -22.61 -15.33
N PHE B 293 -28.09 -22.58 -14.74
CA PHE B 293 -27.83 -21.76 -13.58
C PHE B 293 -28.22 -20.31 -13.95
N LEU B 294 -27.78 -19.88 -15.13
CA LEU B 294 -28.05 -18.47 -15.57
C LEU B 294 -29.54 -18.22 -15.83
N SER B 295 -30.24 -19.18 -16.46
CA SER B 295 -31.67 -19.09 -16.71
C SER B 295 -32.52 -19.02 -15.41
N MET B 296 -32.13 -19.86 -14.45
CA MET B 296 -32.74 -19.88 -13.12
C MET B 296 -32.46 -18.57 -12.38
N LEU B 297 -31.23 -18.05 -12.49
CA LEU B 297 -30.92 -16.80 -11.79
C LEU B 297 -31.72 -15.64 -12.41
N GLU B 298 -31.79 -15.62 -13.73
CA GLU B 298 -32.60 -14.63 -14.43
C GLU B 298 -34.06 -14.56 -13.91
N GLU B 299 -34.66 -15.72 -13.66
CA GLU B 299 -36.01 -15.74 -13.07
C GLU B 299 -36.14 -15.01 -11.75
N GLU B 300 -35.12 -15.19 -10.89
CA GLU B 300 -35.10 -14.55 -9.61
C GLU B 300 -34.73 -13.11 -9.68
N ILE B 301 -33.90 -12.73 -10.65
CA ILE B 301 -33.56 -11.32 -10.82
C ILE B 301 -34.80 -10.45 -11.24
N TYR B 302 -35.54 -10.94 -12.21
CA TYR B 302 -36.55 -10.17 -12.84
C TYR B 302 -37.99 -10.51 -12.30
N GLY B 303 -38.15 -11.61 -11.60
CA GLY B 303 -39.45 -12.07 -11.10
C GLY B 303 -39.88 -11.30 -9.87
N ALA B 304 -41.07 -10.67 -9.93
CA ALA B 304 -41.57 -9.91 -8.81
C ALA B 304 -41.59 -10.67 -7.48
N ASN B 305 -42.01 -11.95 -7.57
CA ASN B 305 -42.22 -12.82 -6.43
C ASN B 305 -40.98 -13.53 -5.85
N SER B 306 -39.74 -13.22 -6.30
CA SER B 306 -38.50 -13.79 -5.66
C SER B 306 -38.15 -13.36 -4.20
N PRO B 307 -37.92 -14.34 -3.26
CA PRO B 307 -37.45 -14.14 -1.86
C PRO B 307 -35.98 -13.89 -1.60
N ILE B 308 -35.13 -14.02 -2.63
CA ILE B 308 -33.72 -13.93 -2.42
C ILE B 308 -33.20 -12.52 -2.21
N TRP B 309 -34.03 -11.52 -2.49
CA TRP B 309 -33.61 -10.12 -2.35
C TRP B 309 -34.14 -9.50 -1.05
N GLU B 310 -34.66 -10.32 -0.15
CA GLU B 310 -35.09 -9.80 1.19
C GLU B 310 -33.94 -9.83 2.18
N SER B 311 -33.79 -8.76 2.96
CA SER B 311 -32.73 -8.80 4.00
C SER B 311 -32.98 -9.87 5.05
N GLY B 312 -34.23 -10.24 5.26
CA GLY B 312 -34.61 -11.29 6.18
C GLY B 312 -34.46 -12.74 5.69
N PHE B 313 -33.96 -12.94 4.46
CA PHE B 313 -33.91 -14.30 3.85
C PHE B 313 -33.28 -15.30 4.76
N THR B 314 -33.96 -16.43 5.01
CA THR B 314 -33.31 -17.63 5.64
C THR B 314 -33.91 -18.92 5.08
N MET B 315 -33.21 -20.04 5.27
CA MET B 315 -33.69 -21.37 4.89
C MET B 315 -34.56 -22.08 5.92
ZN ZN C . -20.50 -7.31 23.06
ZN ZN D . -17.09 -9.66 22.27
ZN ZN E . 6.93 26.91 -9.84
ZN ZN F . 7.33 29.84 -6.87
#